data_3GRV
#
_entry.id   3GRV
#
_cell.length_a   40.263
_cell.length_b   66.018
_cell.length_c   61.691
_cell.angle_alpha   90.00
_cell.angle_beta   108.35
_cell.angle_gamma   90.00
#
_symmetry.space_group_name_H-M   'P 1 21 1'
#
loop_
_entity.id
_entity.type
_entity.pdbx_description
1 polymer 'Dimethyladenosine transferase'
2 non-polymer ADENOSINE
3 non-polymer 'SULFATE ION'
4 water water
#
_entity_poly.entity_id   1
_entity_poly.type   'polypeptide(L)'
_entity_poly.pdbx_seq_one_letter_code
;MGSSHHHHHHSSGLVPRGSHMFKPKKKLGQCFLIDKNFVNKAVESANLTKDDVVLEIGLGKGILTEELAKNAKKVYVIEI
DKSLEPYANKLKELYNNIEIIWGDALKVDLNKLDFNKVVANLPYQISSPITFKLIKRGFDLAVLMYQYEFAKRMVAAAGT
KDYGRLSVAVQSRADVEIVAKVPPSAFYPKPKVYSAIVKIKPNKGKYHIENENFFDDFLRAIFQHRNKSVRKALIDSSKE
LNYNKDEMKKILEDFLNTNSEIKNLINEKVFKLSVKDIVNLSNEFYRFLQNRGRL
;
_entity_poly.pdbx_strand_id   A
#
# COMPACT_ATOMS: atom_id res chain seq x y z
N GLN A 30 -10.29 -17.33 -8.23
CA GLN A 30 -10.77 -17.15 -6.83
C GLN A 30 -9.99 -18.01 -5.84
N CYS A 31 -9.08 -17.36 -5.11
CA CYS A 31 -8.35 -17.99 -4.02
C CYS A 31 -9.10 -17.80 -2.71
N PHE A 32 -9.35 -18.90 -2.02
CA PHE A 32 -10.00 -18.85 -0.72
C PHE A 32 -8.99 -19.21 0.35
N LEU A 33 -8.90 -18.38 1.40
CA LEU A 33 -8.11 -18.70 2.58
C LEU A 33 -8.88 -19.72 3.43
N ILE A 34 -8.33 -20.94 3.52
CA ILE A 34 -9.02 -22.04 4.20
C ILE A 34 -8.38 -22.49 5.53
N ASP A 35 -7.22 -21.93 5.86
CA ASP A 35 -6.51 -22.31 7.07
C ASP A 35 -6.85 -21.33 8.20
N LYS A 36 -7.64 -21.80 9.15
CA LYS A 36 -8.12 -20.94 10.26
C LYS A 36 -6.93 -20.36 11.04
N ASN A 37 -5.82 -21.10 11.09
CA ASN A 37 -4.63 -20.62 11.80
C ASN A 37 -4.08 -19.32 11.24
N PHE A 38 -4.18 -19.15 9.92
CA PHE A 38 -3.76 -17.90 9.30
C PHE A 38 -4.79 -16.78 9.43
N VAL A 39 -6.08 -17.13 9.39
CA VAL A 39 -7.15 -16.22 9.84
C VAL A 39 -6.83 -15.67 11.23
N ASN A 40 -6.60 -16.56 12.20
CA ASN A 40 -6.27 -16.18 13.58
C ASN A 40 -5.09 -15.23 13.64
N LYS A 41 -3.99 -15.58 12.99
CA LYS A 41 -2.82 -14.70 12.92
C LYS A 41 -3.16 -13.31 12.38
N ALA A 42 -3.97 -13.25 11.32
CA ALA A 42 -4.35 -11.97 10.73
C ALA A 42 -5.19 -11.16 11.71
N VAL A 43 -6.18 -11.82 12.32
CA VAL A 43 -7.08 -11.13 13.26
C VAL A 43 -6.33 -10.66 14.52
N GLU A 44 -5.48 -11.52 15.07
CA GLU A 44 -4.71 -11.17 16.27
C GLU A 44 -3.84 -9.94 15.99
N SER A 45 -3.24 -9.90 14.80
CA SER A 45 -2.38 -8.79 14.42
C SER A 45 -3.15 -7.48 14.31
N ALA A 46 -4.43 -7.58 13.95
CA ALA A 46 -5.29 -6.39 13.77
C ALA A 46 -5.69 -5.70 15.10
N ASN A 47 -5.41 -6.37 16.23
CA ASN A 47 -5.62 -5.81 17.57
C ASN A 47 -7.04 -5.25 17.75
N LEU A 48 -8.03 -6.09 17.45
CA LEU A 48 -9.43 -5.66 17.41
C LEU A 48 -10.09 -5.51 18.77
N THR A 49 -10.95 -4.50 18.88
CA THR A 49 -11.85 -4.37 20.02
C THR A 49 -13.23 -4.06 19.48
N LYS A 50 -14.22 -4.15 20.38
CA LYS A 50 -15.60 -3.83 20.02
C LYS A 50 -15.86 -2.36 19.70
N ASP A 51 -14.82 -1.52 19.73
CA ASP A 51 -14.97 -0.14 19.25
C ASP A 51 -14.48 0.03 17.81
N ASP A 52 -13.83 -1.00 17.29
CA ASP A 52 -13.28 -0.99 15.94
C ASP A 52 -14.32 -1.35 14.87
N VAL A 53 -14.25 -0.66 13.74
CA VAL A 53 -15.11 -1.00 12.60
C VAL A 53 -14.23 -1.43 11.43
N VAL A 54 -14.47 -2.65 10.94
CA VAL A 54 -13.55 -3.27 10.01
C VAL A 54 -14.11 -3.36 8.59
N LEU A 55 -13.30 -2.95 7.61
CA LEU A 55 -13.60 -3.21 6.21
C LEU A 55 -12.86 -4.46 5.76
N GLU A 56 -13.60 -5.38 5.17
CA GLU A 56 -12.99 -6.58 4.61
C GLU A 56 -13.20 -6.57 3.10
N ILE A 57 -12.15 -6.90 2.36
CA ILE A 57 -12.26 -6.99 0.89
C ILE A 57 -12.31 -8.46 0.51
N GLY A 58 -13.42 -8.85 -0.09
CA GLY A 58 -13.64 -10.24 -0.44
C GLY A 58 -14.29 -10.99 0.70
N LEU A 59 -15.36 -11.70 0.38
CA LEU A 59 -16.10 -12.52 1.33
C LEU A 59 -15.49 -13.91 1.51
N GLY A 60 -15.16 -14.56 0.39
CA GLY A 60 -14.67 -15.93 0.42
C GLY A 60 -15.71 -16.85 1.02
N LYS A 61 -15.27 -17.73 1.90
CA LYS A 61 -16.14 -18.68 2.56
C LYS A 61 -16.65 -18.11 3.89
N GLY A 62 -16.27 -16.89 4.21
CA GLY A 62 -16.76 -16.20 5.39
C GLY A 62 -16.04 -16.57 6.68
N ILE A 63 -14.95 -17.32 6.56
CA ILE A 63 -14.20 -17.78 7.74
C ILE A 63 -13.51 -16.58 8.42
N LEU A 64 -12.84 -15.76 7.61
CA LEU A 64 -12.29 -14.49 8.12
C LEU A 64 -13.44 -13.58 8.55
N THR A 65 -14.49 -13.50 7.74
CA THR A 65 -15.61 -12.62 8.08
C THR A 65 -16.16 -12.92 9.48
N GLU A 66 -16.36 -14.20 9.78
CA GLU A 66 -16.91 -14.61 11.08
C GLU A 66 -16.03 -14.12 12.25
N GLU A 67 -14.72 -14.26 12.10
CA GLU A 67 -13.79 -13.83 13.18
C GLU A 67 -13.82 -12.32 13.39
N LEU A 68 -13.98 -11.58 12.29
CA LEU A 68 -14.05 -10.14 12.35
C LEU A 68 -15.35 -9.73 13.04
N ALA A 69 -16.46 -10.39 12.70
CA ALA A 69 -17.77 -10.07 13.31
C ALA A 69 -17.78 -10.33 14.82
N LYS A 70 -17.11 -11.41 15.23
CA LYS A 70 -17.02 -11.78 16.63
C LYS A 70 -16.31 -10.70 17.45
N ASN A 71 -15.32 -10.06 16.85
CA ASN A 71 -14.41 -9.22 17.62
C ASN A 71 -14.53 -7.71 17.42
N ALA A 72 -15.11 -7.31 16.29
CA ALA A 72 -15.26 -5.89 15.97
C ALA A 72 -16.68 -5.40 16.22
N LYS A 73 -16.85 -4.07 16.28
CA LYS A 73 -18.17 -3.46 16.37
C LYS A 73 -19.03 -3.85 15.19
N LYS A 74 -18.47 -3.78 13.98
CA LYS A 74 -19.20 -3.99 12.75
C LYS A 74 -18.19 -4.29 11.67
N VAL A 75 -18.62 -5.08 10.69
CA VAL A 75 -17.77 -5.43 9.55
C VAL A 75 -18.51 -5.17 8.21
N TYR A 76 -17.89 -4.36 7.35
CA TYR A 76 -18.32 -4.19 5.96
C TYR A 76 -17.53 -5.19 5.12
N VAL A 77 -18.21 -5.92 4.24
CA VAL A 77 -17.55 -6.82 3.29
C VAL A 77 -17.90 -6.39 1.87
N ILE A 78 -16.89 -6.03 1.08
CA ILE A 78 -17.10 -5.77 -0.35
C ILE A 78 -16.76 -7.07 -1.06
N GLU A 79 -17.73 -7.61 -1.78
CA GLU A 79 -17.58 -8.86 -2.53
C GLU A 79 -18.17 -8.71 -3.93
N ILE A 80 -17.40 -9.11 -4.94
CA ILE A 80 -17.80 -8.97 -6.35
C ILE A 80 -18.70 -10.10 -6.88
N ASP A 81 -18.60 -11.27 -6.26
CA ASP A 81 -19.23 -12.47 -6.80
C ASP A 81 -20.51 -12.83 -6.04
N LYS A 82 -21.64 -12.61 -6.69
CA LYS A 82 -22.94 -12.81 -6.05
C LYS A 82 -23.29 -14.28 -5.78
N SER A 83 -22.56 -15.20 -6.41
N SER A 83 -22.56 -15.20 -6.41
CA SER A 83 -22.73 -16.63 -6.18
CA SER A 83 -22.74 -16.64 -6.18
C SER A 83 -22.37 -17.02 -4.74
C SER A 83 -22.36 -17.02 -4.75
N LEU A 84 -21.61 -16.16 -4.07
CA LEU A 84 -21.19 -16.37 -2.67
C LEU A 84 -22.22 -15.89 -1.64
N GLU A 85 -23.38 -15.41 -2.12
CA GLU A 85 -24.44 -14.91 -1.25
C GLU A 85 -24.92 -15.87 -0.14
N PRO A 86 -25.04 -17.19 -0.43
CA PRO A 86 -25.42 -18.12 0.63
C PRO A 86 -24.47 -18.13 1.84
N TYR A 87 -23.18 -17.87 1.61
CA TYR A 87 -22.24 -17.70 2.72
C TYR A 87 -22.56 -16.45 3.54
N ALA A 88 -22.82 -15.34 2.84
CA ALA A 88 -23.24 -14.09 3.46
C ALA A 88 -24.53 -14.29 4.27
N ASN A 89 -25.50 -14.91 3.63
CA ASN A 89 -26.82 -15.17 4.22
C ASN A 89 -26.79 -16.00 5.51
N LYS A 90 -25.97 -17.04 5.52
CA LYS A 90 -25.81 -17.88 6.71
C LYS A 90 -25.18 -17.10 7.86
N LEU A 91 -24.20 -16.26 7.53
CA LEU A 91 -23.51 -15.45 8.52
C LEU A 91 -24.43 -14.44 9.19
N LYS A 92 -25.30 -13.81 8.39
CA LYS A 92 -26.20 -12.76 8.85
C LYS A 92 -27.32 -13.30 9.76
N GLU A 93 -27.48 -14.62 9.75
CA GLU A 93 -28.38 -15.31 10.68
C GLU A 93 -27.75 -15.45 12.06
N LEU A 94 -26.42 -15.48 12.09
CA LEU A 94 -25.68 -15.67 13.34
C LEU A 94 -25.19 -14.35 13.90
N TYR A 95 -24.97 -13.39 13.02
CA TYR A 95 -24.38 -12.11 13.40
C TYR A 95 -25.21 -10.96 12.87
N ASN A 96 -25.45 -9.96 13.71
CA ASN A 96 -26.25 -8.80 13.33
C ASN A 96 -25.40 -7.57 12.94
N ASN A 97 -24.09 -7.74 12.91
CA ASN A 97 -23.17 -6.62 12.68
C ASN A 97 -22.32 -6.77 11.40
N ILE A 98 -22.84 -7.54 10.45
CA ILE A 98 -22.19 -7.68 9.15
C ILE A 98 -23.01 -6.94 8.09
N GLU A 99 -22.35 -6.10 7.29
CA GLU A 99 -22.99 -5.50 6.13
C GLU A 99 -22.25 -5.88 4.86
N ILE A 100 -22.99 -6.44 3.91
CA ILE A 100 -22.39 -6.84 2.63
C ILE A 100 -22.65 -5.79 1.57
N ILE A 101 -21.59 -5.43 0.87
CA ILE A 101 -21.65 -4.51 -0.27
C ILE A 101 -21.26 -5.32 -1.50
N TRP A 102 -22.21 -5.54 -2.39
CA TRP A 102 -21.94 -6.29 -3.62
C TRP A 102 -21.39 -5.34 -4.67
N GLY A 103 -20.16 -5.61 -5.09
CA GLY A 103 -19.52 -4.80 -6.12
C GLY A 103 -18.02 -5.01 -6.13
N ASP A 104 -17.37 -4.33 -7.07
CA ASP A 104 -15.92 -4.31 -7.24
C ASP A 104 -15.32 -3.31 -6.27
N ALA A 105 -14.39 -3.75 -5.42
CA ALA A 105 -13.81 -2.84 -4.40
C ALA A 105 -13.01 -1.68 -5.01
N LEU A 106 -12.60 -1.82 -6.27
CA LEU A 106 -11.87 -0.74 -6.94
C LEU A 106 -12.83 0.35 -7.41
N LYS A 107 -14.12 0.04 -7.42
CA LYS A 107 -15.12 0.99 -7.89
C LYS A 107 -15.90 1.60 -6.72
N VAL A 108 -15.91 0.91 -5.59
CA VAL A 108 -16.72 1.36 -4.45
C VAL A 108 -16.14 2.66 -3.87
N ASP A 109 -17.01 3.64 -3.65
CA ASP A 109 -16.62 4.91 -3.05
C ASP A 109 -16.39 4.70 -1.55
N LEU A 110 -15.14 4.55 -1.14
CA LEU A 110 -14.78 4.24 0.25
C LEU A 110 -15.00 5.41 1.22
N ASN A 111 -15.11 6.62 0.67
CA ASN A 111 -15.42 7.81 1.45
C ASN A 111 -16.77 7.72 2.16
N LYS A 112 -17.66 6.90 1.60
CA LYS A 112 -19.03 6.77 2.11
C LYS A 112 -19.17 5.71 3.20
N LEU A 113 -18.06 5.10 3.59
CA LEU A 113 -18.05 4.05 4.62
C LEU A 113 -17.25 4.50 5.85
N ASP A 114 -17.76 4.18 7.04
CA ASP A 114 -17.12 4.58 8.28
C ASP A 114 -16.47 3.40 8.99
N PHE A 115 -15.20 3.17 8.67
CA PHE A 115 -14.41 2.09 9.25
C PHE A 115 -13.08 2.67 9.73
N ASN A 116 -12.41 1.97 10.66
CA ASN A 116 -11.08 2.41 11.09
C ASN A 116 -9.99 1.39 10.82
N LYS A 117 -10.38 0.18 10.46
CA LYS A 117 -9.41 -0.89 10.22
C LYS A 117 -9.80 -1.68 8.98
N VAL A 118 -8.80 -2.29 8.35
CA VAL A 118 -9.03 -3.10 7.15
C VAL A 118 -8.32 -4.43 7.38
N VAL A 119 -9.04 -5.53 7.23
CA VAL A 119 -8.44 -6.85 7.37
C VAL A 119 -8.98 -7.70 6.21
N ALA A 120 -8.08 -8.30 5.44
CA ALA A 120 -8.51 -8.92 4.18
C ALA A 120 -7.50 -9.88 3.59
N ASN A 121 -8.01 -10.96 3.02
CA ASN A 121 -7.25 -11.78 2.11
C ASN A 121 -7.50 -11.18 0.72
N LEU A 122 -6.62 -10.27 0.31
CA LEU A 122 -6.84 -9.49 -0.91
C LEU A 122 -6.78 -10.35 -2.15
N PRO A 123 -7.68 -10.11 -3.12
CA PRO A 123 -7.47 -10.73 -4.43
C PRO A 123 -6.18 -10.13 -5.00
N TYR A 124 -5.20 -10.98 -5.33
CA TYR A 124 -3.87 -10.47 -5.66
C TYR A 124 -3.86 -9.56 -6.88
N GLN A 125 -4.78 -9.83 -7.81
CA GLN A 125 -4.92 -9.02 -9.02
C GLN A 125 -5.08 -7.52 -8.75
N ILE A 126 -5.72 -7.17 -7.62
CA ILE A 126 -5.96 -5.77 -7.26
C ILE A 126 -5.00 -5.14 -6.24
N SER A 127 -3.96 -5.90 -5.87
CA SER A 127 -3.05 -5.52 -4.76
C SER A 127 -2.63 -4.05 -4.76
N SER A 128 -2.05 -3.60 -5.87
CA SER A 128 -1.47 -2.26 -5.87
C SER A 128 -2.54 -1.16 -5.82
N PRO A 129 -3.47 -1.12 -6.81
CA PRO A 129 -4.46 -0.03 -6.76
C PRO A 129 -5.29 0.01 -5.45
N ILE A 130 -5.65 -1.15 -4.91
CA ILE A 130 -6.44 -1.17 -3.66
C ILE A 130 -5.64 -0.63 -2.47
N THR A 131 -4.36 -0.94 -2.41
CA THR A 131 -3.50 -0.49 -1.33
C THR A 131 -3.47 1.03 -1.29
N PHE A 132 -3.30 1.66 -2.44
CA PHE A 132 -3.21 3.11 -2.44
C PHE A 132 -4.57 3.79 -2.27
N LYS A 133 -5.63 3.18 -2.80
CA LYS A 133 -6.99 3.70 -2.55
C LYS A 133 -7.34 3.66 -1.05
N LEU A 134 -6.94 2.59 -0.38
CA LEU A 134 -7.14 2.45 1.07
C LEU A 134 -6.34 3.47 1.88
N ILE A 135 -5.05 3.61 1.55
CA ILE A 135 -4.21 4.57 2.25
C ILE A 135 -4.72 6.00 2.02
N LYS A 136 -5.14 6.30 0.78
CA LYS A 136 -5.74 7.59 0.46
C LYS A 136 -6.95 7.88 1.37
N ARG A 137 -7.85 6.92 1.48
CA ARG A 137 -9.03 7.02 2.35
C ARG A 137 -8.62 7.20 3.82
N GLY A 138 -7.63 6.43 4.25
CA GLY A 138 -7.11 6.54 5.60
C GLY A 138 -7.67 5.43 6.46
N PHE A 139 -6.89 5.03 7.45
CA PHE A 139 -7.30 4.02 8.44
C PHE A 139 -6.30 4.00 9.60
N ASP A 140 -6.71 3.44 10.73
CA ASP A 140 -5.81 3.26 11.86
C ASP A 140 -4.77 2.17 11.56
N LEU A 141 -5.24 1.05 11.03
CA LEU A 141 -4.40 -0.14 10.87
C LEU A 141 -5.01 -1.07 9.85
N ALA A 142 -4.18 -1.67 9.00
CA ALA A 142 -4.61 -2.73 8.07
C ALA A 142 -3.74 -3.97 8.21
N VAL A 143 -4.36 -5.14 8.08
CA VAL A 143 -3.63 -6.39 8.07
C VAL A 143 -4.12 -7.13 6.82
N LEU A 144 -3.25 -7.19 5.81
CA LEU A 144 -3.66 -7.60 4.46
C LEU A 144 -2.77 -8.71 3.91
N MET A 145 -3.38 -9.69 3.24
CA MET A 145 -2.67 -10.74 2.52
C MET A 145 -2.26 -10.26 1.15
N TYR A 146 -0.97 -10.43 0.85
CA TYR A 146 -0.42 -10.16 -0.48
C TYR A 146 0.39 -11.37 -0.95
N GLN A 147 0.68 -11.42 -2.24
CA GLN A 147 1.69 -12.36 -2.73
C GLN A 147 3.03 -12.00 -2.08
N TYR A 148 3.83 -13.02 -1.77
CA TYR A 148 5.05 -12.83 -0.99
C TYR A 148 6.04 -11.85 -1.65
N GLU A 149 6.25 -11.96 -2.96
CA GLU A 149 7.17 -11.05 -3.67
C GLU A 149 6.70 -9.58 -3.61
N PHE A 150 5.40 -9.36 -3.76
CA PHE A 150 4.80 -8.03 -3.59
C PHE A 150 5.02 -7.52 -2.16
N ALA A 151 4.75 -8.37 -1.17
CA ALA A 151 5.04 -8.03 0.24
C ALA A 151 6.52 -7.67 0.48
N LYS A 152 7.44 -8.48 -0.05
CA LYS A 152 8.87 -8.18 0.08
C LYS A 152 9.26 -6.79 -0.45
N ARG A 153 8.66 -6.43 -1.58
CA ARG A 153 8.89 -5.12 -2.21
C ARG A 153 8.34 -4.01 -1.33
N MET A 154 7.16 -4.22 -0.76
CA MET A 154 6.54 -3.24 0.13
C MET A 154 7.43 -2.85 1.30
N VAL A 155 8.07 -3.86 1.90
CA VAL A 155 8.81 -3.68 3.17
C VAL A 155 10.31 -3.51 2.99
N ALA A 156 10.78 -3.59 1.74
CA ALA A 156 12.21 -3.62 1.44
C ALA A 156 12.92 -2.40 2.00
N ALA A 157 14.10 -2.63 2.57
CA ALA A 157 14.92 -1.55 3.09
C ALA A 157 15.66 -0.86 1.96
N ALA A 158 15.91 0.44 2.12
CA ALA A 158 16.68 1.21 1.14
C ALA A 158 18.00 0.55 0.79
N GLY A 159 18.38 0.64 -0.48
CA GLY A 159 19.67 0.14 -0.94
C GLY A 159 19.71 -1.37 -1.13
N THR A 160 18.57 -2.03 -0.95
CA THR A 160 18.52 -3.49 -1.18
C THR A 160 17.90 -3.81 -2.54
N LYS A 161 18.06 -5.07 -2.96
CA LYS A 161 17.68 -5.53 -4.30
C LYS A 161 16.18 -5.44 -4.63
N ASP A 162 15.31 -5.60 -3.61
CA ASP A 162 13.85 -5.48 -3.79
C ASP A 162 13.29 -4.06 -3.56
N TYR A 163 14.13 -3.13 -3.13
CA TYR A 163 13.73 -1.74 -2.90
C TYR A 163 13.42 -1.00 -4.21
N GLY A 164 12.23 -0.43 -4.29
CA GLY A 164 11.77 0.26 -5.50
C GLY A 164 10.65 1.24 -5.23
N ARG A 165 10.00 1.71 -6.31
CA ARG A 165 8.93 2.71 -6.21
C ARG A 165 7.84 2.30 -5.21
N LEU A 166 7.47 1.03 -5.22
CA LEU A 166 6.40 0.54 -4.37
C LEU A 166 6.80 0.65 -2.88
N SER A 167 8.05 0.31 -2.59
CA SER A 167 8.59 0.45 -1.24
C SER A 167 8.47 1.90 -0.74
N VAL A 168 8.95 2.85 -1.54
CA VAL A 168 8.93 4.27 -1.16
C VAL A 168 7.50 4.82 -1.10
N ALA A 169 6.67 4.45 -2.08
CA ALA A 169 5.26 4.90 -2.12
C ALA A 169 4.46 4.46 -0.89
N VAL A 170 4.77 3.26 -0.38
CA VAL A 170 4.14 2.77 0.85
C VAL A 170 4.78 3.29 2.14
N GLN A 171 6.11 3.17 2.25
CA GLN A 171 6.81 3.50 3.49
C GLN A 171 6.81 4.99 3.79
N SER A 172 6.65 5.80 2.74
CA SER A 172 6.54 7.25 2.90
C SER A 172 5.21 7.64 3.51
N ARG A 173 4.25 6.71 3.50
CA ARG A 173 2.92 7.00 4.01
C ARG A 173 2.54 6.15 5.23
N ALA A 174 3.34 5.12 5.54
CA ALA A 174 2.95 4.13 6.54
C ALA A 174 4.12 3.29 7.02
N ASP A 175 4.01 2.77 8.25
CA ASP A 175 4.93 1.75 8.72
C ASP A 175 4.37 0.40 8.31
N VAL A 176 5.20 -0.42 7.64
CA VAL A 176 4.78 -1.73 7.14
C VAL A 176 5.75 -2.84 7.52
N GLU A 177 5.21 -4.03 7.78
CA GLU A 177 6.03 -5.18 8.15
C GLU A 177 5.32 -6.47 7.78
N ILE A 178 6.10 -7.51 7.48
CA ILE A 178 5.53 -8.82 7.22
C ILE A 178 5.29 -9.52 8.58
N VAL A 179 4.03 -9.84 8.85
CA VAL A 179 3.68 -10.59 10.07
C VAL A 179 4.07 -12.07 9.94
N ALA A 180 3.73 -12.68 8.80
CA ALA A 180 3.98 -14.11 8.62
C ALA A 180 3.95 -14.44 7.13
N LYS A 181 4.74 -15.43 6.74
CA LYS A 181 4.70 -16.00 5.40
C LYS A 181 3.61 -17.06 5.39
N VAL A 182 2.84 -17.10 4.31
CA VAL A 182 1.67 -17.98 4.22
C VAL A 182 1.82 -18.96 3.05
N PRO A 183 1.97 -20.27 3.36
CA PRO A 183 2.19 -21.30 2.35
C PRO A 183 0.98 -21.51 1.46
N PRO A 184 1.18 -22.03 0.24
CA PRO A 184 0.06 -22.31 -0.67
C PRO A 184 -1.00 -23.22 -0.04
N SER A 185 -0.57 -24.16 0.80
CA SER A 185 -1.47 -25.11 1.46
C SER A 185 -2.57 -24.42 2.27
N ALA A 186 -2.37 -23.15 2.64
CA ALA A 186 -3.35 -22.40 3.40
C ALA A 186 -4.57 -21.94 2.59
N PHE A 187 -4.50 -22.07 1.27
CA PHE A 187 -5.53 -21.55 0.35
C PHE A 187 -6.13 -22.67 -0.49
N TYR A 188 -7.32 -22.44 -1.04
CA TYR A 188 -7.87 -23.31 -2.07
C TYR A 188 -8.60 -22.53 -3.18
N PRO A 189 -8.33 -22.86 -4.46
CA PRO A 189 -7.29 -23.78 -4.93
C PRO A 189 -5.89 -23.36 -4.51
N LYS A 190 -4.97 -24.31 -4.50
CA LYS A 190 -3.61 -24.03 -4.05
C LYS A 190 -2.86 -23.15 -5.05
N PRO A 191 -2.38 -21.97 -4.58
CA PRO A 191 -1.63 -21.05 -5.43
C PRO A 191 -0.28 -21.60 -5.86
N LYS A 192 0.36 -20.90 -6.78
CA LYS A 192 1.66 -21.27 -7.31
C LYS A 192 2.80 -20.76 -6.42
N VAL A 193 2.53 -19.66 -5.71
CA VAL A 193 3.54 -18.98 -4.87
C VAL A 193 3.06 -18.76 -3.44
N TYR A 194 4.00 -18.38 -2.56
CA TYR A 194 3.66 -18.04 -1.18
C TYR A 194 2.94 -16.71 -1.13
N SER A 195 2.15 -16.50 -0.09
CA SER A 195 1.64 -15.19 0.26
C SER A 195 2.29 -14.70 1.55
N ALA A 196 1.93 -13.50 1.97
CA ALA A 196 2.44 -12.92 3.22
C ALA A 196 1.37 -12.05 3.83
N ILE A 197 1.24 -12.13 5.15
CA ILE A 197 0.42 -11.17 5.89
C ILE A 197 1.26 -9.94 6.19
N VAL A 198 0.74 -8.78 5.79
CA VAL A 198 1.43 -7.48 5.96
C VAL A 198 0.60 -6.55 6.85
N LYS A 199 1.24 -5.99 7.88
CA LYS A 199 0.60 -5.04 8.78
C LYS A 199 0.97 -3.64 8.32
N ILE A 200 -0.02 -2.77 8.19
CA ILE A 200 0.20 -1.41 7.66
C ILE A 200 -0.38 -0.42 8.65
N LYS A 201 0.47 0.46 9.16
CA LYS A 201 0.03 1.51 10.06
C LYS A 201 0.34 2.86 9.44
N PRO A 202 -0.69 3.52 8.87
CA PRO A 202 -0.46 4.84 8.30
C PRO A 202 0.17 5.79 9.33
N ASN A 203 1.08 6.62 8.84
CA ASN A 203 1.75 7.61 9.66
C ASN A 203 1.77 8.91 8.89
N LYS A 204 0.69 9.69 9.04
CA LYS A 204 0.55 10.97 8.33
C LYS A 204 1.59 12.02 8.74
N GLY A 205 2.23 11.82 9.89
CA GLY A 205 3.18 12.81 10.43
C GLY A 205 4.66 12.54 10.21
N LYS A 206 5.02 11.30 9.95
CA LYS A 206 6.42 10.88 9.91
C LYS A 206 7.30 11.65 8.93
N TYR A 207 6.88 11.71 7.66
CA TYR A 207 7.74 12.25 6.61
C TYR A 207 7.31 13.60 6.02
N HIS A 208 6.02 13.91 6.09
CA HIS A 208 5.45 15.19 5.61
C HIS A 208 5.70 15.53 4.12
N ILE A 209 4.65 15.43 3.31
CA ILE A 209 4.75 15.59 1.86
C ILE A 209 4.15 16.92 1.39
N GLU A 210 4.95 17.71 0.68
CA GLU A 210 4.60 19.06 0.26
C GLU A 210 3.43 19.09 -0.71
N ASN A 211 3.43 18.15 -1.65
CA ASN A 211 2.45 18.07 -2.72
C ASN A 211 2.43 16.62 -3.24
N GLU A 212 1.30 15.95 -3.03
CA GLU A 212 1.13 14.53 -3.37
C GLU A 212 1.31 14.24 -4.86
N ASN A 213 0.75 15.11 -5.70
CA ASN A 213 0.86 14.96 -7.15
C ASN A 213 2.31 15.03 -7.61
N PHE A 214 3.04 16.01 -7.09
CA PHE A 214 4.43 16.19 -7.49
C PHE A 214 5.28 15.02 -7.00
N PHE A 215 4.99 14.59 -5.77
CA PHE A 215 5.70 13.47 -5.16
C PHE A 215 5.51 12.20 -5.98
N ASP A 216 4.27 11.90 -6.38
CA ASP A 216 3.98 10.74 -7.23
C ASP A 216 4.71 10.80 -8.58
N ASP A 217 4.70 11.98 -9.21
CA ASP A 217 5.45 12.18 -10.46
C ASP A 217 6.97 12.04 -10.26
N PHE A 218 7.47 12.62 -9.17
CA PHE A 218 8.91 12.56 -8.85
C PHE A 218 9.35 11.10 -8.65
N LEU A 219 8.57 10.34 -7.87
CA LEU A 219 8.81 8.90 -7.67
C LEU A 219 8.79 8.11 -8.97
N ARG A 220 7.79 8.38 -9.82
N ARG A 220 7.81 8.42 -9.83
CA ARG A 220 7.72 7.71 -11.13
CA ARG A 220 7.65 7.76 -11.13
C ARG A 220 9.02 7.96 -11.88
C ARG A 220 8.86 8.01 -12.04
N ALA A 221 9.36 9.25 -12.05
CA ALA A 221 10.55 9.63 -12.81
C ALA A 221 11.85 8.96 -12.32
N ILE A 222 12.14 9.05 -11.02
CA ILE A 222 13.40 8.49 -10.52
C ILE A 222 13.47 6.96 -10.64
N PHE A 223 12.37 6.28 -10.28
CA PHE A 223 12.37 4.82 -10.33
C PHE A 223 12.22 4.21 -11.71
N GLN A 224 12.04 5.06 -12.72
CA GLN A 224 12.15 4.57 -14.11
C GLN A 224 13.62 4.29 -14.48
N HIS A 225 14.54 4.72 -13.62
CA HIS A 225 15.98 4.52 -13.81
C HIS A 225 16.64 4.26 -12.46
N ARG A 226 16.26 3.19 -11.78
CA ARG A 226 16.63 3.04 -10.37
C ARG A 226 18.14 2.82 -10.09
N ASN A 227 18.90 2.41 -11.12
CA ASN A 227 20.34 2.22 -10.94
C ASN A 227 21.18 3.39 -11.45
N LYS A 228 20.52 4.49 -11.79
CA LYS A 228 21.22 5.72 -12.19
C LYS A 228 21.23 6.66 -11.00
N SER A 229 22.07 7.69 -11.08
CA SER A 229 22.02 8.77 -10.11
C SER A 229 20.68 9.47 -10.24
N VAL A 230 20.24 10.09 -9.14
CA VAL A 230 18.97 10.82 -9.12
C VAL A 230 18.97 11.91 -10.20
N ARG A 231 20.11 12.61 -10.31
CA ARG A 231 20.31 13.65 -11.32
C ARG A 231 20.01 13.14 -12.73
N LYS A 232 20.66 12.03 -13.11
CA LYS A 232 20.51 11.47 -14.46
C LYS A 232 19.12 10.89 -14.71
N ALA A 233 18.55 10.26 -13.69
CA ALA A 233 17.17 9.77 -13.74
C ALA A 233 16.18 10.90 -14.03
N LEU A 234 16.33 12.02 -13.32
CA LEU A 234 15.44 13.18 -13.50
C LEU A 234 15.55 13.78 -14.89
N ILE A 235 16.77 13.83 -15.44
CA ILE A 235 17.00 14.32 -16.83
C ILE A 235 16.40 13.35 -17.86
N ASP A 236 16.68 12.05 -17.69
CA ASP A 236 16.14 11.02 -18.61
C ASP A 236 14.61 11.02 -18.64
N SER A 237 14.01 11.18 -17.47
CA SER A 237 12.56 11.16 -17.32
C SER A 237 11.97 12.55 -17.09
N SER A 238 12.63 13.59 -17.62
CA SER A 238 12.21 14.98 -17.38
C SER A 238 10.77 15.27 -17.81
N LYS A 239 10.29 14.56 -18.83
CA LYS A 239 8.93 14.79 -19.34
C LYS A 239 7.85 14.36 -18.35
N GLU A 240 8.18 13.43 -17.45
CA GLU A 240 7.25 13.01 -16.39
C GLU A 240 6.96 14.17 -15.45
N LEU A 241 7.94 15.07 -15.33
CA LEU A 241 7.80 16.28 -14.54
C LEU A 241 7.50 17.49 -15.41
N ASN A 242 7.24 17.24 -16.70
CA ASN A 242 6.84 18.29 -17.66
C ASN A 242 7.91 19.34 -17.92
N TYR A 243 9.17 18.89 -17.99
CA TYR A 243 10.29 19.72 -18.42
C TYR A 243 10.99 19.02 -19.58
N ASN A 244 11.63 19.79 -20.46
CA ASN A 244 12.46 19.14 -21.47
C ASN A 244 13.83 18.79 -20.88
N LYS A 245 14.64 18.01 -21.61
CA LYS A 245 15.89 17.51 -21.08
C LYS A 245 16.92 18.61 -20.78
N ASP A 246 16.94 19.65 -21.62
CA ASP A 246 17.88 20.77 -21.46
C ASP A 246 17.45 21.68 -20.31
N GLU A 247 16.16 21.98 -20.26
CA GLU A 247 15.53 22.66 -19.13
C GLU A 247 15.87 21.97 -17.82
N MET A 248 15.68 20.65 -17.78
CA MET A 248 15.94 19.86 -16.58
C MET A 248 17.43 19.85 -16.14
N LYS A 249 18.33 19.80 -17.13
CA LYS A 249 19.76 19.89 -16.85
C LYS A 249 20.11 21.19 -16.09
N LYS A 250 19.64 22.31 -16.63
CA LYS A 250 19.90 23.65 -16.07
C LYS A 250 19.21 23.85 -14.73
N ILE A 251 17.98 23.36 -14.63
CA ILE A 251 17.25 23.35 -13.36
C ILE A 251 18.09 22.68 -12.26
N LEU A 252 18.63 21.50 -12.56
CA LEU A 252 19.38 20.71 -11.57
C LEU A 252 20.75 21.30 -11.27
N GLU A 253 21.35 21.96 -12.26
CA GLU A 253 22.57 22.74 -12.02
C GLU A 253 22.28 23.83 -10.98
N ASP A 254 21.23 24.61 -11.23
CA ASP A 254 20.76 25.63 -10.30
C ASP A 254 20.39 25.07 -8.91
N PHE A 255 19.63 23.97 -8.88
CA PHE A 255 19.14 23.32 -7.65
C PHE A 255 20.28 22.86 -6.76
N LEU A 256 21.25 22.18 -7.37
CA LEU A 256 22.44 21.67 -6.66
C LEU A 256 23.23 22.77 -5.92
N ASN A 257 23.19 24.00 -6.43
CA ASN A 257 23.89 25.12 -5.82
C ASN A 257 23.19 25.76 -4.60
N THR A 258 22.03 25.21 -4.22
CA THR A 258 21.28 25.72 -3.06
C THR A 258 21.87 25.25 -1.72
N ASN A 259 22.15 23.95 -1.60
CA ASN A 259 22.97 23.45 -0.48
C ASN A 259 23.72 22.15 -0.77
N SER A 260 24.70 21.85 0.09
CA SER A 260 25.59 20.70 -0.07
C SER A 260 24.87 19.37 0.12
N GLU A 261 23.85 19.37 0.99
CA GLU A 261 22.99 18.21 1.19
C GLU A 261 22.34 17.74 -0.10
N ILE A 262 21.80 18.69 -0.86
CA ILE A 262 21.16 18.41 -2.16
C ILE A 262 22.16 17.81 -3.14
N LYS A 263 23.35 18.40 -3.23
CA LYS A 263 24.41 17.92 -4.11
C LYS A 263 24.66 16.42 -3.90
N ASN A 264 24.97 16.05 -2.66
CA ASN A 264 25.24 14.64 -2.35
C ASN A 264 24.05 13.69 -2.55
N LEU A 265 22.83 14.19 -2.34
CA LEU A 265 21.65 13.37 -2.62
C LEU A 265 21.45 13.07 -4.11
N ILE A 266 21.49 14.09 -4.96
CA ILE A 266 21.16 13.89 -6.38
C ILE A 266 22.26 13.14 -7.13
N ASN A 267 23.47 13.16 -6.58
CA ASN A 267 24.60 12.43 -7.14
C ASN A 267 24.58 10.93 -6.80
N GLU A 268 23.74 10.56 -5.85
CA GLU A 268 23.66 9.17 -5.40
C GLU A 268 22.66 8.41 -6.26
N LYS A 269 22.90 7.09 -6.38
CA LYS A 269 22.02 6.22 -7.16
C LYS A 269 20.65 6.17 -6.52
N VAL A 270 19.62 6.19 -7.37
CA VAL A 270 18.23 6.27 -6.92
C VAL A 270 17.92 5.29 -5.78
N PHE A 271 18.22 4.01 -5.99
CA PHE A 271 17.81 2.96 -5.06
C PHE A 271 18.53 3.00 -3.70
N LYS A 272 19.58 3.81 -3.61
CA LYS A 272 20.37 3.90 -2.41
C LYS A 272 19.87 4.95 -1.41
N LEU A 273 19.04 5.87 -1.88
CA LEU A 273 18.45 6.90 -1.02
C LEU A 273 17.40 6.30 -0.11
N SER A 274 17.42 6.70 1.15
CA SER A 274 16.39 6.26 2.08
C SER A 274 15.06 6.91 1.74
N VAL A 275 13.97 6.37 2.27
CA VAL A 275 12.65 6.99 2.14
C VAL A 275 12.68 8.46 2.61
N LYS A 276 13.25 8.68 3.80
CA LYS A 276 13.41 10.02 4.39
C LYS A 276 14.06 10.97 3.39
N ASP A 277 15.17 10.53 2.79
CA ASP A 277 15.91 11.35 1.83
C ASP A 277 15.13 11.68 0.55
N ILE A 278 14.39 10.70 0.03
CA ILE A 278 13.55 10.93 -1.17
C ILE A 278 12.41 11.91 -0.91
N VAL A 279 11.78 11.80 0.27
CA VAL A 279 10.71 12.71 0.63
C VAL A 279 11.26 14.14 0.78
N ASN A 280 12.33 14.29 1.56
N ASN A 280 12.34 14.28 1.55
CA ASN A 280 12.94 15.61 1.75
CA ASN A 280 12.99 15.56 1.78
C ASN A 280 13.41 16.20 0.42
C ASN A 280 13.53 16.21 0.50
N LEU A 281 14.06 15.39 -0.40
CA LEU A 281 14.59 15.84 -1.70
C LEU A 281 13.50 16.36 -2.62
N SER A 282 12.41 15.60 -2.74
CA SER A 282 11.27 16.00 -3.56
C SER A 282 10.56 17.25 -2.99
N ASN A 283 10.46 17.33 -1.66
CA ASN A 283 9.94 18.52 -0.98
C ASN A 283 10.74 19.78 -1.34
N GLU A 284 12.06 19.68 -1.20
CA GLU A 284 12.96 20.79 -1.50
C GLU A 284 12.92 21.15 -2.99
N PHE A 285 12.79 20.13 -3.83
CA PHE A 285 12.72 20.33 -5.28
C PHE A 285 11.42 21.02 -5.70
N TYR A 286 10.30 20.61 -5.11
CA TYR A 286 9.01 21.27 -5.36
C TYR A 286 9.03 22.77 -5.01
N ARG A 287 9.55 23.10 -3.82
CA ARG A 287 9.66 24.49 -3.37
C ARG A 287 10.61 25.29 -4.26
N PHE A 288 11.71 24.66 -4.66
CA PHE A 288 12.68 25.28 -5.58
C PHE A 288 12.02 25.63 -6.91
N LEU A 289 11.21 24.70 -7.42
CA LEU A 289 10.48 24.90 -8.67
C LEU A 289 9.37 25.95 -8.52
N GLN A 290 8.83 26.06 -7.31
CA GLN A 290 7.82 27.06 -6.98
C GLN A 290 8.43 28.46 -6.90
N ASN A 291 9.56 28.58 -6.21
CA ASN A 291 10.21 29.87 -5.98
C ASN A 291 11.09 30.30 -7.14
#